data_7R60
#
_entry.id   7R60
#
_cell.length_a   74.409
_cell.length_b   107.908
_cell.length_c   39.409
_cell.angle_alpha   90.000
_cell.angle_beta   90.000
_cell.angle_gamma   90.000
#
_symmetry.space_group_name_H-M   'P 21 21 2'
#
loop_
_entity.id
_entity.type
_entity.pdbx_description
1 polymer 'Tyrosine-protein kinase BTK'
2 non-polymer 2-(4-phenoxyphenoxy)-5-[(3R)-1-(prop-2-enoyl)piperidin-3-yl]pyridine-3-carboxamide
3 water water
#
_entity_poly.entity_id   1
_entity_poly.type   'polypeptide(L)'
_entity_poly.pdbx_seq_one_letter_code
;GLGYGSWEIDPKDLTFLKELGTGQFGVVKYGKWRGQYDVAIKMIKEGSMSEDEFIEEAKVMMNLSHEKLVQLYGVCTKQR
PIFIITEYMANGCLLNYLREMRHRFQTQQLLEMCKDVCEAMEYLESKQFLHRDLAARNCLVNDQGVVKVSDFGLSRYVLD
DEYTSSVGSKFPVRWSPPEVLMYSKFSSKSDIWAFGVLMWEIYSLGKMPYERFTNSETAEHIAQGLRLYRPHLASEKVYT
IMYSCWHEKADERPTFKILLSNILDVMDEES
;
_entity_poly.pdbx_strand_id   A
#
loop_
_chem_comp.id
_chem_comp.type
_chem_comp.name
_chem_comp.formula
2IE non-polymer 2-(4-phenoxyphenoxy)-5-[(3R)-1-(prop-2-enoyl)piperidin-3-yl]pyridine-3-carboxamide 'C26 H27 N3 O4'
#
# COMPACT_ATOMS: atom_id res chain seq x y z
N GLY A 1 -2.19 18.41 -26.40
CA GLY A 1 -2.74 19.15 -27.56
C GLY A 1 -3.92 18.43 -28.19
N LEU A 2 -4.22 18.80 -29.42
CA LEU A 2 -5.33 18.22 -30.19
C LEU A 2 -5.29 16.69 -30.22
N GLY A 3 -6.17 16.04 -29.46
CA GLY A 3 -7.09 16.73 -28.56
C GLY A 3 -7.05 16.10 -27.18
N TYR A 4 -5.89 15.57 -26.80
CA TYR A 4 -5.69 14.92 -25.49
C TYR A 4 -6.43 15.57 -24.35
N GLY A 5 -7.09 14.76 -23.52
CA GLY A 5 -7.73 15.26 -22.29
C GLY A 5 -6.72 15.40 -21.16
N SER A 6 -7.12 16.08 -20.09
CA SER A 6 -6.22 16.47 -19.00
C SER A 6 -5.64 15.30 -18.19
N TRP A 7 -6.07 14.08 -18.47
CA TRP A 7 -5.58 12.93 -17.73
C TRP A 7 -4.62 12.03 -18.54
N GLU A 8 -4.52 12.25 -19.86
CA GLU A 8 -3.86 11.55 -20.97
CA GLU A 8 -3.86 11.55 -20.97
C GLU A 8 -2.48 12.12 -21.30
N ILE A 9 -1.48 11.23 -21.31
CA ILE A 9 -0.09 11.55 -21.62
C ILE A 9 0.34 10.94 -22.97
N ASP A 10 1.08 11.72 -23.78
CA ASP A 10 1.54 11.27 -25.11
C ASP A 10 2.80 10.41 -24.95
N PRO A 11 2.72 9.14 -25.37
CA PRO A 11 3.87 8.23 -25.22
C PRO A 11 5.11 8.66 -25.98
N LYS A 12 4.94 9.46 -27.03
CA LYS A 12 6.07 9.96 -27.77
C LYS A 12 6.97 10.85 -26.89
N ASP A 13 6.45 11.26 -25.73
CA ASP A 13 7.20 12.17 -24.84
C ASP A 13 8.09 11.42 -23.82
N LEU A 14 8.11 10.08 -23.91
CA LEU A 14 8.86 9.26 -22.96
C LEU A 14 10.16 8.73 -23.58
N THR A 15 11.22 8.68 -22.75
CA THR A 15 12.49 8.01 -23.09
C THR A 15 12.75 6.88 -22.07
N PHE A 16 13.06 5.68 -22.55
CA PHE A 16 13.17 4.48 -21.71
C PHE A 16 14.65 4.13 -21.41
N LEU A 17 14.98 3.90 -20.14
CA LEU A 17 16.40 3.75 -19.78
C LEU A 17 16.77 2.39 -19.15
N LYS A 18 15.96 1.91 -18.20
CA LYS A 18 16.36 0.74 -17.41
C LYS A 18 15.13 -0.04 -16.91
N GLU A 19 15.25 -1.36 -16.87
CA GLU A 19 14.16 -2.22 -16.37
C GLU A 19 14.26 -2.37 -14.85
N LEU A 20 13.12 -2.29 -14.16
CA LEU A 20 13.12 -2.31 -12.68
C LEU A 20 12.65 -3.63 -12.06
N GLY A 21 11.73 -4.32 -12.72
CA GLY A 21 11.18 -5.57 -12.19
C GLY A 21 9.94 -6.05 -12.91
N THR A 22 9.35 -7.13 -12.40
CA THR A 22 8.13 -7.72 -12.95
C THR A 22 7.06 -7.95 -11.86
N GLY A 23 5.90 -7.31 -12.01
CA GLY A 23 4.78 -7.53 -11.09
C GLY A 23 3.65 -8.37 -11.70
N GLN A 24 2.49 -8.36 -11.07
CA GLN A 24 1.34 -9.16 -11.53
C GLN A 24 0.76 -8.69 -12.86
N PHE A 25 0.94 -7.41 -13.18
CA PHE A 25 0.41 -6.85 -14.43
C PHE A 25 1.45 -6.85 -15.55
N GLY A 26 2.71 -7.05 -15.17
CA GLY A 26 3.79 -7.10 -16.15
C GLY A 26 5.01 -6.32 -15.71
N VAL A 27 5.62 -5.59 -16.64
CA VAL A 27 6.90 -4.96 -16.40
C VAL A 27 6.78 -3.52 -15.92
N VAL A 28 7.75 -3.10 -15.09
CA VAL A 28 7.86 -1.71 -14.67
C VAL A 28 9.22 -1.16 -15.13
N LYS A 29 9.24 0.07 -15.64
CA LYS A 29 10.48 0.68 -16.14
C LYS A 29 10.77 2.08 -15.58
N TYR A 30 12.04 2.45 -15.61
CA TYR A 30 12.49 3.81 -15.29
C TYR A 30 12.87 4.55 -16.58
N GLY A 31 12.51 5.82 -16.67
CA GLY A 31 12.82 6.67 -17.84
C GLY A 31 12.66 8.16 -17.55
N LYS A 32 12.59 8.98 -18.61
CA LYS A 32 12.42 10.44 -18.49
C LYS A 32 11.21 10.96 -19.29
N TRP A 33 10.53 11.98 -18.75
CA TRP A 33 9.46 12.71 -19.47
C TRP A 33 10.02 14.01 -20.06
N ARG A 34 9.91 14.16 -21.38
CA ARG A 34 10.39 15.35 -22.06
C ARG A 34 11.87 15.63 -21.75
N GLY A 35 12.67 14.56 -21.72
CA GLY A 35 14.13 14.67 -21.64
C GLY A 35 14.70 15.14 -20.32
N GLN A 36 13.85 15.31 -19.32
CA GLN A 36 14.22 16.08 -18.13
C GLN A 36 13.70 15.51 -16.79
N TYR A 37 12.45 15.05 -16.76
CA TYR A 37 11.86 14.59 -15.48
C TYR A 37 11.79 13.07 -15.31
N ASP A 38 12.21 12.60 -14.13
CA ASP A 38 12.22 11.17 -13.80
C ASP A 38 10.79 10.63 -13.69
N VAL A 39 10.60 9.37 -14.10
CA VAL A 39 9.30 8.70 -13.98
C VAL A 39 9.44 7.18 -13.90
N ALA A 40 8.45 6.54 -13.27
CA ALA A 40 8.24 5.09 -13.39
C ALA A 40 7.06 4.83 -14.34
N ILE A 41 7.18 3.79 -15.17
CA ILE A 41 6.14 3.42 -16.16
C ILE A 41 5.71 1.96 -15.99
N LYS A 42 4.48 1.76 -15.52
CA LYS A 42 3.92 0.43 -15.34
C LYS A 42 3.16 0.03 -16.62
N MET A 43 3.53 -1.10 -17.22
CA MET A 43 2.91 -1.58 -18.48
C MET A 43 1.97 -2.76 -18.21
N ILE A 44 0.67 -2.56 -18.47
CA ILE A 44 -0.35 -3.54 -18.13
C ILE A 44 -0.48 -4.63 -19.22
N LYS A 45 -0.25 -5.89 -18.85
CA LYS A 45 -0.34 -6.99 -19.82
C LYS A 45 -1.77 -7.24 -20.31
N GLU A 46 -1.90 -7.65 -21.56
CA GLU A 46 -3.20 -7.93 -22.18
C GLU A 46 -4.00 -9.00 -21.44
N GLY A 47 -5.30 -8.76 -21.31
CA GLY A 47 -6.20 -9.71 -20.64
C GLY A 47 -6.25 -9.64 -19.12
N SER A 48 -5.54 -8.70 -18.51
CA SER A 48 -5.42 -8.73 -17.04
C SER A 48 -6.28 -7.69 -16.28
N MET A 49 -6.79 -6.67 -16.97
CA MET A 49 -7.53 -5.59 -16.30
C MET A 49 -8.87 -5.21 -16.95
N SER A 50 -9.86 -4.79 -16.14
CA SER A 50 -11.07 -4.13 -16.68
C SER A 50 -10.71 -2.66 -17.04
N GLU A 51 -10.28 -2.46 -18.28
CA GLU A 51 -9.62 -1.22 -18.73
C GLU A 51 -10.54 0.02 -18.86
N ASP A 52 -11.76 -0.16 -19.37
CA ASP A 52 -12.70 0.95 -19.46
C ASP A 52 -13.06 1.48 -18.05
N GLU A 53 -13.32 0.57 -17.11
CA GLU A 53 -13.59 0.97 -15.71
C GLU A 53 -12.41 1.70 -15.02
N PHE A 54 -11.19 1.18 -15.18
CA PHE A 54 -10.01 1.85 -14.63
C PHE A 54 -9.81 3.27 -15.16
N ILE A 55 -10.02 3.46 -16.47
CA ILE A 55 -9.82 4.75 -17.11
C ILE A 55 -10.77 5.80 -16.52
N GLU A 56 -12.02 5.41 -16.31
CA GLU A 56 -12.98 6.31 -15.69
C GLU A 56 -12.57 6.68 -14.25
N GLU A 57 -11.98 5.73 -13.52
CA GLU A 57 -11.54 6.03 -12.15
C GLU A 57 -10.27 6.87 -12.11
N ALA A 58 -9.45 6.79 -13.16
CA ALA A 58 -8.19 7.55 -13.21
C ALA A 58 -8.46 9.05 -13.17
N LYS A 59 -9.59 9.47 -13.71
CA LYS A 59 -9.96 10.90 -13.69
C LYS A 59 -10.10 11.41 -12.25
N VAL A 60 -10.70 10.62 -11.37
CA VAL A 60 -10.86 10.97 -9.97
C VAL A 60 -9.51 10.97 -9.24
N MET A 61 -8.73 9.93 -9.47
CA MET A 61 -7.44 9.79 -8.81
C MET A 61 -6.47 10.93 -9.07
N MET A 62 -6.53 11.52 -10.26
CA MET A 62 -5.67 12.64 -10.61
C MET A 62 -5.88 13.82 -9.67
N ASN A 63 -7.03 13.87 -9.00
CA ASN A 63 -7.34 15.03 -8.18
C ASN A 63 -6.94 14.81 -6.71
N LEU A 64 -6.50 13.61 -6.38
CA LEU A 64 -5.95 13.35 -5.04
C LEU A 64 -4.52 13.88 -4.95
N SER A 65 -4.17 14.53 -3.85
CA SER A 65 -2.84 15.13 -3.73
C SER A 65 -2.39 15.27 -2.28
N HIS A 66 -1.32 14.55 -1.91
CA HIS A 66 -0.75 14.62 -0.57
C HIS A 66 0.74 14.19 -0.61
N GLU A 67 1.56 14.79 0.24
CA GLU A 67 3.00 14.55 0.17
C GLU A 67 3.40 13.10 0.46
N LYS A 68 2.60 12.36 1.24
CA LYS A 68 2.92 10.96 1.58
C LYS A 68 2.13 9.92 0.71
N LEU A 69 1.54 10.42 -0.38
CA LEU A 69 0.83 9.62 -1.35
C LEU A 69 1.60 9.70 -2.69
N VAL A 70 1.92 8.56 -3.29
CA VAL A 70 2.64 8.55 -4.54
C VAL A 70 1.86 9.32 -5.65
N GLN A 71 2.49 10.20 -6.40
CA GLN A 71 1.68 11.10 -7.24
C GLN A 71 1.57 10.57 -8.67
N LEU A 72 0.33 10.48 -9.14
CA LEU A 72 -0.04 9.99 -10.48
C LEU A 72 0.08 11.10 -11.54
N TYR A 73 0.95 10.89 -12.53
CA TYR A 73 1.14 11.88 -13.60
C TYR A 73 0.16 11.77 -14.76
N GLY A 74 -0.31 10.56 -15.04
CA GLY A 74 -1.31 10.31 -16.07
C GLY A 74 -1.28 8.88 -16.59
N VAL A 75 -2.08 8.63 -17.63
CA VAL A 75 -2.18 7.33 -18.32
C VAL A 75 -2.06 7.45 -19.87
N CYS A 76 -1.53 6.42 -20.52
CA CYS A 76 -1.54 6.36 -21.99
C CYS A 76 -2.56 5.30 -22.43
N THR A 77 -3.67 5.71 -23.05
CA THR A 77 -4.74 4.72 -23.36
C THR A 77 -5.19 4.56 -24.82
N LYS A 78 -4.70 5.40 -25.73
CA LYS A 78 -5.08 5.25 -27.13
C LYS A 78 -4.24 4.15 -27.80
N GLN A 79 -3.86 3.14 -27.01
CA GLN A 79 -2.98 2.07 -27.48
C GLN A 79 -3.18 0.79 -26.66
N ARG A 80 -2.32 -0.18 -26.92
CA ARG A 80 -2.27 -1.40 -26.12
C ARG A 80 -0.86 -1.98 -26.22
N PRO A 81 -0.20 -2.23 -25.07
CA PRO A 81 -0.71 -2.10 -23.70
C PRO A 81 -0.82 -0.65 -23.19
N ILE A 82 -1.83 -0.40 -22.36
CA ILE A 82 -1.93 0.88 -21.64
C ILE A 82 -0.81 1.01 -20.59
N PHE A 83 -0.35 2.25 -20.39
CA PHE A 83 0.69 2.58 -19.40
C PHE A 83 0.12 3.43 -18.24
N ILE A 84 0.64 3.20 -17.03
CA ILE A 84 0.39 4.07 -15.89
C ILE A 84 1.71 4.77 -15.44
N ILE A 85 1.68 6.10 -15.34
CA ILE A 85 2.88 6.95 -15.11
C ILE A 85 2.90 7.67 -13.72
N THR A 86 3.97 7.45 -12.94
CA THR A 86 4.18 8.12 -11.63
C THR A 86 5.63 8.61 -11.41
N GLU A 87 5.87 9.23 -10.23
CA GLU A 87 7.23 9.66 -9.84
C GLU A 87 8.11 8.46 -9.54
N TYR A 88 9.40 8.64 -9.77
CA TYR A 88 10.36 7.57 -9.55
C TYR A 88 10.73 7.48 -8.07
N MET A 89 10.62 6.29 -7.47
CA MET A 89 10.97 6.10 -6.05
C MET A 89 12.28 5.29 -5.91
N ALA A 90 13.41 6.00 -5.77
CA ALA A 90 14.74 5.41 -5.96
C ALA A 90 15.12 4.18 -5.11
N ASN A 91 14.62 4.08 -3.87
CA ASN A 91 14.98 2.95 -2.99
C ASN A 91 13.99 1.76 -2.95
N GLY A 92 13.08 1.65 -3.92
CA GLY A 92 12.22 0.46 -4.09
C GLY A 92 11.07 0.24 -3.12
N CYS A 93 10.60 -1.01 -3.00
CA CYS A 93 9.50 -1.32 -2.09
C CYS A 93 9.92 -1.47 -0.60
N LEU A 94 9.03 -1.07 0.30
CA LEU A 94 9.34 -1.07 1.74
C LEU A 94 9.71 -2.47 2.26
N LEU A 95 9.05 -3.53 1.79
CA LEU A 95 9.34 -4.88 2.30
C LEU A 95 10.81 -5.29 2.11
N ASN A 96 11.35 -5.08 0.90
CA ASN A 96 12.77 -5.38 0.57
C ASN A 96 13.78 -4.54 1.38
N TYR A 97 13.46 -3.27 1.57
CA TYR A 97 14.27 -2.30 2.33
C TYR A 97 14.40 -2.70 3.82
N LEU A 98 13.28 -3.07 4.44
CA LEU A 98 13.33 -3.59 5.84
C LEU A 98 14.23 -4.81 6.02
N ARG A 99 14.30 -5.66 5.00
CA ARG A 99 15.06 -6.92 5.07
C ARG A 99 16.57 -6.72 4.86
N GLU A 100 17.00 -5.57 4.35
CA GLU A 100 18.45 -5.28 4.23
C GLU A 100 19.11 -4.99 5.59
N MET A 101 19.86 -5.95 6.13
CA MET A 101 20.42 -5.77 7.48
C MET A 101 21.53 -4.69 7.62
N ARG A 102 22.14 -4.30 6.50
CA ARG A 102 23.19 -3.29 6.52
C ARG A 102 22.73 -1.91 7.06
N HIS A 103 21.42 -1.63 7.06
CA HIS A 103 20.90 -0.32 7.53
C HIS A 103 21.01 -0.12 9.06
N ARG A 104 20.97 -1.22 9.82
CA ARG A 104 21.10 -1.15 11.29
C ARG A 104 20.20 -0.04 11.87
N PHE A 105 18.90 -0.11 11.55
CA PHE A 105 17.95 0.94 11.96
C PHE A 105 17.85 1.17 13.49
N GLN A 106 17.76 2.45 13.91
CA GLN A 106 17.31 2.83 15.27
C GLN A 106 15.77 2.79 15.37
N THR A 107 15.22 2.55 16.56
CA THR A 107 13.75 2.52 16.71
C THR A 107 13.08 3.86 16.38
N GLN A 108 13.81 4.98 16.53
CA GLN A 108 13.27 6.29 16.14
C GLN A 108 12.97 6.36 14.63
N GLN A 109 13.81 5.72 13.78
CA GLN A 109 13.58 5.63 12.33
C GLN A 109 12.31 4.80 11.95
N LEU A 110 12.11 3.66 12.63
CA LEU A 110 10.94 2.75 12.45
C LEU A 110 9.60 3.47 12.82
N LEU A 111 9.59 4.29 13.88
CA LEU A 111 8.37 5.05 14.26
C LEU A 111 8.00 6.13 13.22
N GLU A 112 9.00 6.80 12.65
CA GLU A 112 8.77 7.74 11.53
C GLU A 112 8.21 7.12 10.23
N MET A 113 8.62 5.87 9.91
CA MET A 113 7.97 5.15 8.78
C MET A 113 6.46 4.92 9.04
N CYS A 114 6.10 4.52 10.27
CA CYS A 114 4.68 4.39 10.67
C CYS A 114 3.90 5.73 10.58
N LYS A 115 4.51 6.83 11.01
CA LYS A 115 3.88 8.18 10.94
C LYS A 115 3.62 8.64 9.48
N ASP A 116 4.59 8.39 8.60
CA ASP A 116 4.47 8.66 7.15
C ASP A 116 3.18 7.97 6.59
N VAL A 117 3.04 6.66 6.79
CA VAL A 117 1.89 5.89 6.28
C VAL A 117 0.54 6.33 6.94
N CYS A 118 0.56 6.59 8.25
CA CYS A 118 -0.64 7.07 8.95
C CYS A 118 -1.14 8.42 8.39
N GLU A 119 -0.23 9.35 8.09
CA GLU A 119 -0.60 10.66 7.48
C GLU A 119 -1.33 10.47 6.11
N ALA A 120 -0.78 9.60 5.25
CA ALA A 120 -1.41 9.29 3.96
C ALA A 120 -2.82 8.70 4.12
N MET A 121 -2.95 7.75 5.05
CA MET A 121 -4.22 7.06 5.30
C MET A 121 -5.30 8.00 5.93
N GLU A 122 -4.91 8.90 6.84
CA GLU A 122 -5.80 9.99 7.33
C GLU A 122 -6.38 10.85 6.20
N TYR A 123 -5.56 11.17 5.19
CA TYR A 123 -6.00 11.93 4.03
C TYR A 123 -7.07 11.19 3.18
N LEU A 124 -6.78 9.94 2.87
CA LEU A 124 -7.72 9.09 2.13
C LEU A 124 -9.05 8.92 2.91
N GLU A 125 -8.99 8.63 4.21
CA GLU A 125 -10.20 8.56 5.07
C GLU A 125 -11.03 9.88 5.01
N SER A 126 -10.37 11.03 4.85
CA SER A 126 -11.07 12.33 4.79
C SER A 126 -11.85 12.48 3.49
N LYS A 127 -11.48 11.69 2.48
CA LYS A 127 -12.16 11.74 1.18
C LYS A 127 -13.06 10.51 0.93
N GLN A 128 -13.26 9.68 1.97
CA GLN A 128 -14.08 8.47 1.88
C GLN A 128 -13.56 7.39 0.90
N PHE A 129 -12.23 7.35 0.71
CA PHE A 129 -11.60 6.47 -0.27
C PHE A 129 -10.89 5.29 0.45
N LEU A 130 -11.28 4.04 0.16
CA LEU A 130 -10.60 2.87 0.76
C LEU A 130 -9.37 2.40 -0.05
N HIS A 131 -8.31 1.95 0.64
CA HIS A 131 -7.20 1.33 -0.05
C HIS A 131 -7.56 -0.09 -0.56
N ARG A 132 -8.13 -0.92 0.33
CA ARG A 132 -8.53 -2.32 0.07
C ARG A 132 -7.40 -3.39 0.05
N ASP A 133 -6.10 -3.01 -0.02
CA ASP A 133 -4.97 -3.99 0.05
C ASP A 133 -3.64 -3.40 0.63
N LEU A 134 -3.72 -2.77 1.79
CA LEU A 134 -2.54 -2.16 2.43
C LEU A 134 -1.59 -3.20 3.09
N ALA A 135 -0.31 -3.07 2.78
CA ALA A 135 0.76 -3.99 3.22
C ALA A 135 2.16 -3.46 2.84
N ALA A 136 3.21 -3.95 3.52
CA ALA A 136 4.57 -3.42 3.22
C ALA A 136 5.00 -3.58 1.75
N ARG A 137 4.51 -4.65 1.10
CA ARG A 137 4.88 -4.93 -0.31
C ARG A 137 4.34 -3.84 -1.26
N ASN A 138 3.36 -3.04 -0.79
CA ASN A 138 2.70 -1.98 -1.57
C ASN A 138 3.10 -0.54 -1.17
N CYS A 139 4.07 -0.35 -0.27
CA CYS A 139 4.55 1.01 0.06
C CYS A 139 5.94 1.17 -0.59
N LEU A 140 6.37 2.40 -0.88
CA LEU A 140 7.62 2.68 -1.63
C LEU A 140 8.49 3.69 -0.85
N VAL A 141 9.80 3.73 -1.14
CA VAL A 141 10.75 4.59 -0.40
C VAL A 141 11.57 5.44 -1.36
N ASN A 142 11.64 6.77 -1.10
CA ASN A 142 12.39 7.66 -2.01
C ASN A 142 13.87 7.85 -1.65
N ASP A 143 14.59 8.64 -2.44
CA ASP A 143 16.02 8.91 -2.22
C ASP A 143 16.38 9.56 -0.86
N GLN A 144 15.40 10.19 -0.20
CA GLN A 144 15.63 10.84 1.08
C GLN A 144 15.17 9.98 2.26
N GLY A 145 14.68 8.77 1.96
CA GLY A 145 14.23 7.84 3.01
C GLY A 145 12.78 7.99 3.45
N VAL A 146 11.99 8.82 2.77
CA VAL A 146 10.58 9.03 3.09
C VAL A 146 9.69 7.90 2.48
N VAL A 147 8.76 7.35 3.28
CA VAL A 147 7.82 6.28 2.86
C VAL A 147 6.47 6.87 2.31
N LYS A 148 5.96 6.33 1.19
CA LYS A 148 4.67 6.76 0.61
C LYS A 148 3.81 5.55 0.24
N VAL A 149 2.49 5.73 0.25
CA VAL A 149 1.49 4.67 -0.05
C VAL A 149 1.19 4.62 -1.57
N SER A 150 1.16 3.41 -2.17
CA SER A 150 0.80 3.26 -3.57
C SER A 150 -0.18 2.09 -3.87
N ASP A 151 -0.56 1.96 -5.13
CA ASP A 151 -1.56 0.99 -5.62
C ASP A 151 -2.92 1.10 -4.89
N PHE A 152 -3.23 2.27 -4.36
CA PHE A 152 -4.52 2.50 -3.69
C PHE A 152 -5.75 2.29 -4.62
N GLY A 153 -6.63 1.37 -4.21
CA GLY A 153 -7.88 1.06 -4.92
C GLY A 153 -7.75 0.11 -6.10
N LEU A 154 -6.51 -0.23 -6.45
CA LEU A 154 -6.23 -0.89 -7.72
C LEU A 154 -6.85 -2.28 -7.85
N SER A 155 -7.07 -2.99 -6.73
CA SER A 155 -7.59 -4.39 -6.77
C SER A 155 -9.02 -4.51 -7.41
N ARG A 156 -9.79 -3.43 -7.37
CA ARG A 156 -11.15 -3.41 -7.96
C ARG A 156 -11.19 -3.76 -9.46
N TYR A 157 -10.07 -3.63 -10.16
CA TYR A 157 -10.05 -3.75 -11.63
C TYR A 157 -9.24 -4.97 -12.15
N VAL A 158 -8.83 -5.84 -11.24
CA VAL A 158 -8.11 -7.10 -11.57
C VAL A 158 -9.05 -8.27 -11.92
N LEU A 159 -8.84 -8.89 -13.08
CA LEU A 159 -9.77 -9.92 -13.58
C LEU A 159 -9.52 -11.35 -13.11
N ASP A 160 -8.27 -11.69 -12.77
CA ASP A 160 -7.90 -13.03 -12.29
C ASP A 160 -8.48 -13.40 -10.92
N ASP A 161 -9.40 -14.39 -10.92
CA ASP A 161 -10.22 -14.75 -9.75
C ASP A 161 -9.46 -15.31 -8.55
N GLU A 162 -8.18 -15.61 -8.71
CA GLU A 162 -7.36 -16.15 -7.62
C GLU A 162 -7.10 -15.08 -6.54
N TYR A 163 -7.15 -13.82 -6.95
CA TYR A 163 -6.80 -12.72 -6.06
C TYR A 163 -8.03 -12.03 -5.48
N THR A 164 -9.22 -12.32 -6.04
CA THR A 164 -10.42 -11.49 -5.79
C THR A 164 -11.35 -11.96 -4.66
N SER A 165 -11.34 -13.25 -4.35
CA SER A 165 -12.29 -13.81 -3.37
C SER A 165 -11.59 -14.47 -2.16
N SER A 166 -12.34 -14.58 -1.07
CA SER A 166 -11.84 -15.12 0.20
C SER A 166 -11.32 -16.56 0.06
N VAL A 167 -11.92 -17.30 -0.87
CA VAL A 167 -11.47 -18.66 -1.19
C VAL A 167 -10.19 -18.65 -2.03
N GLY A 168 -10.03 -17.61 -2.84
CA GLY A 168 -8.90 -17.48 -3.77
C GLY A 168 -7.53 -17.74 -3.17
N SER A 169 -6.68 -18.38 -3.98
CA SER A 169 -5.33 -18.78 -3.56
C SER A 169 -4.33 -17.63 -3.52
N LYS A 170 -4.75 -16.43 -3.94
CA LYS A 170 -3.87 -15.24 -3.91
C LYS A 170 -4.46 -14.07 -3.12
N PHE A 171 -5.52 -14.32 -2.37
CA PHE A 171 -6.17 -13.29 -1.53
C PHE A 171 -5.34 -12.97 -0.26
N PRO A 172 -5.38 -11.72 0.24
CA PRO A 172 -4.51 -11.36 1.40
C PRO A 172 -5.08 -11.73 2.77
N VAL A 173 -5.21 -13.04 3.00
CA VAL A 173 -5.73 -13.60 4.25
C VAL A 173 -5.05 -13.04 5.53
N ARG A 174 -3.72 -12.93 5.53
CA ARG A 174 -2.95 -12.51 6.72
C ARG A 174 -3.11 -11.01 7.08
N TRP A 175 -3.73 -10.21 6.20
CA TRP A 175 -4.00 -8.78 6.43
C TRP A 175 -5.50 -8.45 6.65
N SER A 176 -6.35 -9.48 6.86
CA SER A 176 -7.85 -9.34 6.88
C SER A 176 -8.51 -9.63 8.26
N PRO A 177 -9.50 -8.81 8.68
CA PRO A 177 -10.24 -8.97 9.96
C PRO A 177 -11.31 -10.08 9.94
N PRO A 178 -11.81 -10.51 11.11
CA PRO A 178 -12.76 -11.64 11.06
C PRO A 178 -13.98 -11.47 10.16
N GLU A 179 -14.58 -10.28 10.17
CA GLU A 179 -15.81 -10.04 9.39
C GLU A 179 -15.59 -10.06 7.85
N VAL A 180 -14.34 -9.83 7.39
CA VAL A 180 -14.04 -10.00 5.96
C VAL A 180 -13.94 -11.52 5.64
N LEU A 181 -13.17 -12.27 6.42
CA LEU A 181 -12.99 -13.73 6.15
C LEU A 181 -14.30 -14.56 6.23
N MET A 182 -15.24 -14.16 7.09
CA MET A 182 -16.50 -14.92 7.31
C MET A 182 -17.65 -14.48 6.39
N TYR A 183 -17.78 -13.16 6.21
CA TYR A 183 -18.98 -12.54 5.62
C TYR A 183 -18.76 -11.59 4.42
N SER A 184 -17.50 -11.39 4.02
CA SER A 184 -17.07 -10.35 3.04
C SER A 184 -17.56 -8.90 3.32
N LYS A 185 -17.51 -8.46 4.57
CA LYS A 185 -17.91 -7.09 4.95
C LYS A 185 -16.70 -6.12 4.98
N PHE A 186 -16.54 -5.34 3.91
CA PHE A 186 -15.45 -4.32 3.78
C PHE A 186 -15.90 -2.93 4.29
N SER A 187 -14.98 -2.21 4.97
CA SER A 187 -15.25 -0.83 5.51
C SER A 187 -13.94 -0.08 5.87
N SER A 188 -14.06 1.16 6.36
CA SER A 188 -12.88 1.88 6.87
C SER A 188 -12.18 1.09 7.99
N LYS A 189 -12.95 0.27 8.71
CA LYS A 189 -12.38 -0.52 9.80
C LYS A 189 -11.60 -1.79 9.36
N SER A 190 -11.76 -2.24 8.10
CA SER A 190 -10.85 -3.26 7.54
C SER A 190 -9.52 -2.66 7.08
N ASP A 191 -9.52 -1.41 6.62
CA ASP A 191 -8.25 -0.66 6.41
C ASP A 191 -7.48 -0.47 7.74
N ILE A 192 -8.19 -0.14 8.84
CA ILE A 192 -7.57 0.00 10.19
C ILE A 192 -6.87 -1.32 10.62
N TRP A 193 -7.56 -2.47 10.51
CA TRP A 193 -6.96 -3.79 10.83
C TRP A 193 -5.63 -4.01 10.05
N ALA A 194 -5.65 -3.78 8.72
CA ALA A 194 -4.46 -3.94 7.87
C ALA A 194 -3.30 -3.02 8.31
N PHE A 195 -3.59 -1.78 8.73
CA PHE A 195 -2.55 -0.86 9.21
C PHE A 195 -1.82 -1.40 10.45
N GLY A 196 -2.56 -1.99 11.38
CA GLY A 196 -1.93 -2.63 12.55
C GLY A 196 -0.98 -3.75 12.18
N VAL A 197 -1.37 -4.57 11.21
CA VAL A 197 -0.49 -5.66 10.70
C VAL A 197 0.79 -5.06 10.03
N LEU A 198 0.62 -3.99 9.24
CA LEU A 198 1.79 -3.20 8.70
C LEU A 198 2.76 -2.69 9.81
N MET A 199 2.27 -2.10 10.92
CA MET A 199 3.16 -1.75 12.10
C MET A 199 3.95 -2.97 12.58
N TRP A 200 3.30 -4.13 12.62
CA TRP A 200 3.98 -5.38 13.05
C TRP A 200 5.15 -5.76 12.08
N GLU A 201 4.91 -5.65 10.77
CA GLU A 201 5.93 -5.96 9.74
C GLU A 201 7.17 -5.04 9.92
N ILE A 202 6.92 -3.74 10.13
CA ILE A 202 8.01 -2.77 10.36
C ILE A 202 8.86 -3.12 11.58
N TYR A 203 8.23 -3.32 12.75
CA TYR A 203 9.00 -3.64 13.99
C TYR A 203 9.65 -5.04 14.02
N SER A 204 9.24 -5.93 13.12
CA SER A 204 9.84 -7.29 12.95
C SER A 204 10.87 -7.34 11.80
N LEU A 205 11.22 -6.19 11.22
CA LEU A 205 12.20 -6.10 10.10
C LEU A 205 11.84 -7.01 8.90
N GLY A 206 10.58 -6.98 8.49
CA GLY A 206 10.12 -7.70 7.28
C GLY A 206 9.71 -9.17 7.38
N LYS A 207 9.55 -9.73 8.58
CA LYS A 207 9.07 -11.11 8.72
C LYS A 207 7.66 -11.30 8.13
N MET A 208 7.36 -12.49 7.58
CA MET A 208 6.01 -12.85 7.15
C MET A 208 5.07 -13.02 8.41
N PRO A 209 3.89 -12.36 8.43
CA PRO A 209 3.01 -12.58 9.62
C PRO A 209 2.50 -14.04 9.77
N TYR A 210 2.46 -14.55 11.02
CA TYR A 210 2.02 -15.94 11.30
C TYR A 210 2.96 -16.91 10.52
N GLU A 211 4.29 -16.69 10.60
CA GLU A 211 5.27 -17.34 9.69
C GLU A 211 5.27 -18.88 9.70
N ARG A 212 4.78 -19.49 10.78
CA ARG A 212 4.74 -20.92 10.89
C ARG A 212 3.44 -21.59 10.40
N PHE A 213 2.43 -20.81 10.02
CA PHE A 213 1.10 -21.35 9.62
C PHE A 213 0.82 -21.20 8.12
N THR A 214 -0.07 -22.05 7.58
CA THR A 214 -0.69 -21.80 6.26
C THR A 214 -1.76 -20.68 6.37
N ASN A 215 -2.25 -20.18 5.21
CA ASN A 215 -3.40 -19.24 5.15
C ASN A 215 -4.65 -19.88 5.81
N SER A 216 -4.95 -21.12 5.45
CA SER A 216 -6.03 -21.90 6.09
C SER A 216 -5.95 -21.99 7.64
N GLU A 217 -4.77 -22.28 8.17
CA GLU A 217 -4.57 -22.35 9.61
C GLU A 217 -4.67 -20.94 10.29
N THR A 218 -4.30 -19.88 9.56
CA THR A 218 -4.36 -18.49 10.08
C THR A 218 -5.83 -18.02 10.26
N ALA A 219 -6.65 -18.32 9.24
CA ALA A 219 -8.07 -17.99 9.29
C ALA A 219 -8.76 -18.65 10.51
N GLU A 220 -8.40 -19.89 10.83
CA GLU A 220 -8.93 -20.56 12.05
C GLU A 220 -8.47 -19.98 13.41
N HIS A 221 -7.18 -19.64 13.53
CA HIS A 221 -6.58 -18.96 14.71
C HIS A 221 -7.38 -17.67 14.98
N ILE A 222 -7.54 -16.82 13.97
CA ILE A 222 -8.26 -15.54 14.09
C ILE A 222 -9.70 -15.70 14.57
N ALA A 223 -10.38 -16.72 14.07
CA ALA A 223 -11.78 -16.98 14.46
C ALA A 223 -11.92 -17.58 15.87
N GLN A 224 -10.83 -18.14 16.40
CA GLN A 224 -10.84 -18.60 17.78
C GLN A 224 -10.44 -17.45 18.71
N GLY A 225 -10.16 -16.29 18.12
CA GLY A 225 -9.84 -15.07 18.89
C GLY A 225 -8.37 -14.85 19.24
N LEU A 226 -7.47 -15.61 18.63
CA LEU A 226 -6.04 -15.45 18.94
C LEU A 226 -5.35 -14.41 18.01
N ARG A 227 -4.16 -13.92 18.42
CA ARG A 227 -3.55 -12.72 17.83
C ARG A 227 -2.01 -12.82 17.62
N LEU A 228 -1.43 -11.94 16.77
CA LEU A 228 0.03 -11.73 16.70
C LEU A 228 0.55 -11.25 18.07
N TYR A 229 1.83 -11.46 18.38
CA TYR A 229 2.36 -10.95 19.66
C TYR A 229 3.54 -9.96 19.47
N ARG A 230 4.11 -9.47 20.57
CA ARG A 230 4.97 -8.26 20.59
C ARG A 230 6.37 -8.48 19.99
N PRO A 231 6.71 -7.74 18.90
CA PRO A 231 8.07 -7.79 18.35
C PRO A 231 9.10 -7.27 19.36
N HIS A 232 10.30 -7.88 19.36
CA HIS A 232 11.37 -7.53 20.31
C HIS A 232 11.74 -6.03 20.30
N LEU A 233 11.63 -5.35 19.15
CA LEU A 233 12.04 -3.94 19.05
C LEU A 233 10.93 -2.92 19.46
N ALA A 234 9.71 -3.41 19.71
CA ALA A 234 8.57 -2.54 20.12
C ALA A 234 8.44 -2.33 21.65
N SER A 235 8.38 -1.06 22.09
CA SER A 235 8.14 -0.75 23.50
C SER A 235 6.72 -1.18 23.89
N GLU A 236 6.42 -1.19 25.20
CA GLU A 236 5.03 -1.48 25.63
C GLU A 236 4.03 -0.43 25.08
N LYS A 237 4.41 0.85 25.00
CA LYS A 237 3.52 1.87 24.40
C LYS A 237 3.23 1.69 22.90
N VAL A 238 4.25 1.28 22.14
CA VAL A 238 4.07 1.01 20.70
C VAL A 238 3.17 -0.21 20.46
N TYR A 239 3.34 -1.27 21.27
CA TYR A 239 2.53 -2.48 21.12
C TYR A 239 1.07 -2.19 21.45
N THR A 240 0.83 -1.36 22.45
CA THR A 240 -0.55 -0.92 22.77
C THR A 240 -1.26 -0.27 21.56
N ILE A 241 -0.54 0.55 20.79
CA ILE A 241 -1.09 1.14 19.54
C ILE A 241 -1.47 0.10 18.47
N MET A 242 -0.54 -0.80 18.12
CA MET A 242 -0.83 -1.79 17.05
C MET A 242 -1.90 -2.78 17.48
N TYR A 243 -1.94 -3.16 18.76
CA TYR A 243 -2.96 -4.12 19.27
C TYR A 243 -4.39 -3.55 19.21
N SER A 244 -4.53 -2.24 19.46
CA SER A 244 -5.83 -1.56 19.41
C SER A 244 -6.51 -1.68 18.03
N CYS A 245 -5.75 -2.01 16.99
CA CYS A 245 -6.31 -2.15 15.61
C CYS A 245 -7.02 -3.49 15.37
N TRP A 246 -6.85 -4.43 16.32
CA TRP A 246 -7.34 -5.80 16.17
C TRP A 246 -8.52 -6.19 17.11
N HIS A 247 -9.31 -5.21 17.61
CA HIS A 247 -10.48 -5.53 18.45
C HIS A 247 -11.46 -6.41 17.65
N GLU A 248 -12.02 -7.45 18.30
CA GLU A 248 -12.96 -8.35 17.64
C GLU A 248 -14.16 -7.57 17.05
N LYS A 249 -14.65 -6.56 17.77
CA LYS A 249 -15.72 -5.68 17.28
C LYS A 249 -15.20 -4.46 16.47
N ALA A 250 -15.65 -4.35 15.23
CA ALA A 250 -15.17 -3.32 14.30
C ALA A 250 -15.40 -1.90 14.83
N ASP A 251 -16.60 -1.64 15.37
CA ASP A 251 -16.91 -0.28 15.84
C ASP A 251 -16.11 0.17 17.07
N GLU A 252 -15.34 -0.73 17.69
CA GLU A 252 -14.47 -0.34 18.79
C GLU A 252 -13.00 -0.08 18.40
N ARG A 253 -12.66 -0.28 17.13
CA ARG A 253 -11.33 0.07 16.60
C ARG A 253 -11.25 1.60 16.42
N PRO A 254 -10.03 2.21 16.54
CA PRO A 254 -9.87 3.67 16.34
C PRO A 254 -9.96 4.17 14.88
N THR A 255 -10.00 5.49 14.70
CA THR A 255 -9.92 6.15 13.37
C THR A 255 -8.46 6.46 13.05
N PHE A 256 -8.15 6.85 11.80
CA PHE A 256 -6.76 7.25 11.46
C PHE A 256 -6.34 8.58 12.17
N LYS A 257 -7.28 9.52 12.37
CA LYS A 257 -7.00 10.73 13.16
C LYS A 257 -6.51 10.43 14.61
N ILE A 258 -7.20 9.52 15.29
CA ILE A 258 -6.82 9.09 16.67
C ILE A 258 -5.46 8.37 16.70
N LEU A 259 -5.24 7.40 15.80
CA LEU A 259 -3.93 6.74 15.70
C LEU A 259 -2.78 7.74 15.52
N LEU A 260 -2.97 8.76 14.65
CA LEU A 260 -1.91 9.76 14.44
C LEU A 260 -1.58 10.54 15.72
N SER A 261 -2.61 10.96 16.45
CA SER A 261 -2.48 11.49 17.82
C SER A 261 -1.67 10.61 18.77
N ASN A 262 -1.96 9.31 18.78
CA ASN A 262 -1.24 8.34 19.63
C ASN A 262 0.26 8.23 19.28
N ILE A 263 0.58 8.19 17.97
CA ILE A 263 1.98 8.16 17.47
C ILE A 263 2.80 9.44 17.80
N LEU A 264 2.21 10.63 17.70
CA LEU A 264 2.92 11.88 18.08
C LEU A 264 3.26 11.92 19.59
N ASP A 265 2.33 11.49 20.42
CA ASP A 265 2.56 11.37 21.87
C ASP A 265 3.76 10.45 22.24
N VAL A 266 3.90 9.29 21.60
CA VAL A 266 5.05 8.42 21.87
C VAL A 266 6.37 9.00 21.38
N MET A 267 6.38 9.64 20.20
CA MET A 267 7.57 10.36 19.71
C MET A 267 8.08 11.39 20.71
N ASP A 268 7.17 12.18 21.28
CA ASP A 268 7.55 13.18 22.29
C ASP A 268 8.07 12.53 23.58
N GLU A 269 7.55 11.37 23.95
CA GLU A 269 7.97 10.72 25.21
C GLU A 269 9.25 9.91 25.08
N GLU A 270 9.47 9.29 23.93
CA GLU A 270 10.64 8.43 23.71
C GLU A 270 11.78 9.17 22.99
N SER A 271 11.57 10.45 22.67
CA SER A 271 12.62 11.29 22.12
C SER A 271 12.17 12.75 22.03
C2 2IE B . 6.42 1.77 -9.27
C3 2IE B . 7.81 1.99 -8.79
C8 2IE B . 8.39 3.38 -8.68
C11 2IE B . 4.22 2.68 -9.86
C12 2IE B . 3.64 3.02 -11.09
C13 2IE B . 2.25 2.94 -11.28
C14 2IE B . 1.44 2.51 -10.25
C15 2IE B . 2.00 2.17 -9.02
C16 2IE B . 3.38 2.26 -8.83
O17 2IE B . 0.06 2.43 -10.42
C19 2IE B . -0.49 3.96 -8.64
C20 2IE B . -1.43 4.47 -7.75
C21 2IE B . -2.73 3.98 -7.73
C22 2IE B . -3.09 2.94 -8.60
C24 2IE B . 8.69 -1.69 -8.21
N26 2IE B . 9.38 -3.12 -6.32
C27 2IE B . 10.80 -3.09 -6.68
C30 2IE B . 8.76 -4.12 -5.65
C32 2IE B . 9.55 -5.14 -4.87
C33 2IE B . 8.89 -5.30 -3.48
N1 2IE B . 5.94 0.52 -9.34
C4 2IE B . 8.58 0.86 -8.44
C5 2IE B . 7.99 -0.42 -8.56
C6 2IE B . 6.68 -0.53 -8.99
O7 2IE B . 5.59 2.79 -9.65
O9 2IE B . 9.59 3.59 -8.57
N10 2IE B . 7.50 4.47 -8.69
C18 2IE B . -0.86 2.95 -9.52
C23 2IE B . -2.16 2.44 -9.49
C25 2IE B . 8.64 -1.91 -6.70
C28 2IE B . 10.86 -2.98 -8.21
C29 2IE B . 10.15 -1.71 -8.68
O31 2IE B . 7.54 -4.24 -5.59
#